data_6ABW
#
_entry.id   6ABW
#
_cell.length_a   61.609
_cell.length_b   94.806
_cell.length_c   129.863
_cell.angle_alpha   90.000
_cell.angle_beta   90.000
_cell.angle_gamma   90.000
#
_symmetry.space_group_name_H-M   'C 2 2 21'
#
loop_
_entity.id
_entity.type
_entity.pdbx_description
1 polymer 'Citrate synthase'
2 non-polymer GLYCEROL
3 non-polymer 'ACETYL COENZYME *A'
4 water water
#
_entity_poly.entity_id   1
_entity_poly.type   'polypeptide(L)'
_entity_poly.pdbx_seq_one_letter_code
;MRGSHHHHHHGSMSQISRGLENVFIKTTSLTYIDGENGILRYGGYDIEDLVEHTSFEEVVHLMLYGDLPTKLQLQRLKSA
LDEAYEVPQQVIDMIYSLPRDSDAVGMMETAFSALSSIYGMPWNKATNRDNAVKLVARASTVVANVLRAKEGKKPAIPEP
SESFAKSFLKASFSRTPTEEEVKAMDAALILYADHEVPASTTAALVTSSTLSDIYSCVVAALAALKGPLHGGAAEEAFKQ
FVEIGEPDMTESWFKRKIIEGKSRLMGFGHRVYKTYDPRAKIFKKYAKVISERNSDARKYFEIAQKLEELGVETFGAKHI
YPNTDFYSGVVFYALGFPVYMFTSLFALSRTLGWTAHVIEYVEDQHRLIRPRALYVGPLKRDVVPIELRG
;
_entity_poly.pdbx_strand_id   A
#
loop_
_chem_comp.id
_chem_comp.type
_chem_comp.name
_chem_comp.formula
ACO non-polymer 'ACETYL COENZYME *A' 'C23 H38 N7 O17 P3 S'
GOL non-polymer GLYCEROL 'C3 H8 O3'
#
# COMPACT_ATOMS: atom_id res chain seq x y z
N GLU A 21 -16.11 -16.16 3.65
CA GLU A 21 -16.29 -17.57 4.07
C GLU A 21 -15.46 -18.52 3.19
N ASN A 22 -14.15 -18.24 3.11
CA ASN A 22 -13.23 -18.93 2.18
C ASN A 22 -13.66 -18.82 0.70
N VAL A 23 -14.54 -17.87 0.38
CA VAL A 23 -15.20 -17.82 -0.94
C VAL A 23 -14.22 -17.26 -2.01
N PHE A 24 -13.81 -18.14 -2.94
CA PHE A 24 -12.97 -17.74 -4.07
C PHE A 24 -13.73 -16.80 -5.00
N ILE A 25 -13.33 -15.52 -5.02
CA ILE A 25 -13.94 -14.49 -5.86
C ILE A 25 -13.37 -14.45 -7.29
N LYS A 26 -12.17 -15.00 -7.50
CA LYS A 26 -11.56 -14.96 -8.81
C LYS A 26 -10.39 -15.94 -8.84
N THR A 27 -9.89 -16.22 -10.04
CA THR A 27 -8.59 -16.84 -10.20
C THR A 27 -7.56 -15.74 -10.39
N THR A 28 -6.30 -16.03 -10.09
CA THR A 28 -5.24 -15.11 -10.38
C THR A 28 -3.98 -15.82 -10.78
N SER A 29 -3.17 -15.14 -11.58
CA SER A 29 -1.81 -15.54 -11.91
C SER A 29 -0.78 -14.59 -11.34
N LEU A 30 -1.20 -13.72 -10.44
CA LEU A 30 -0.37 -12.66 -9.95
C LEU A 30 0.49 -13.07 -8.78
N THR A 31 -0.14 -13.60 -7.73
CA THR A 31 0.50 -13.70 -6.43
C THR A 31 0.20 -15.08 -5.86
N TYR A 32 1.27 -15.76 -5.50
CA TYR A 32 1.18 -17.07 -4.82
C TYR A 32 1.67 -16.92 -3.37
N ILE A 33 0.92 -17.47 -2.43
CA ILE A 33 1.29 -17.42 -1.01
C ILE A 33 1.23 -18.82 -0.45
N ASP A 34 2.31 -19.24 0.20
CA ASP A 34 2.32 -20.49 0.97
C ASP A 34 2.49 -20.12 2.43
N GLY A 35 1.39 -20.09 3.18
CA GLY A 35 1.44 -19.70 4.58
C GLY A 35 2.23 -20.62 5.51
N GLU A 36 2.28 -21.90 5.17
CA GLU A 36 2.94 -22.88 6.06
C GLU A 36 4.45 -22.75 5.98
N ASN A 37 4.92 -22.38 4.79
CA ASN A 37 6.33 -22.35 4.48
C ASN A 37 6.88 -20.93 4.32
N GLY A 38 6.03 -19.91 4.36
CA GLY A 38 6.57 -18.56 4.36
C GLY A 38 7.03 -18.13 2.98
N ILE A 39 6.25 -18.44 1.96
CA ILE A 39 6.64 -18.19 0.58
C ILE A 39 5.68 -17.22 -0.04
N LEU A 40 6.26 -16.21 -0.71
CA LEU A 40 5.51 -15.22 -1.44
C LEU A 40 6.18 -15.09 -2.82
N ARG A 41 5.40 -15.31 -3.87
CA ARG A 41 5.88 -15.13 -5.25
C ARG A 41 4.95 -14.24 -6.03
N TYR A 42 5.51 -13.43 -6.90
CA TYR A 42 4.75 -12.67 -7.91
C TYR A 42 5.09 -13.36 -9.27
N GLY A 43 4.05 -13.90 -9.92
CA GLY A 43 4.21 -14.44 -11.25
C GLY A 43 5.29 -15.56 -11.31
N GLY A 44 5.43 -16.26 -10.21
CA GLY A 44 6.40 -17.38 -10.03
C GLY A 44 7.76 -17.01 -9.49
N TYR A 45 8.03 -15.71 -9.35
CA TYR A 45 9.27 -15.24 -8.89
C TYR A 45 9.21 -14.93 -7.37
N ASP A 46 10.12 -15.52 -6.59
CA ASP A 46 10.15 -15.33 -5.14
C ASP A 46 10.35 -13.86 -4.84
N ILE A 47 9.67 -13.37 -3.83
CA ILE A 47 9.77 -11.93 -3.50
C ILE A 47 11.19 -11.51 -3.19
N GLU A 48 11.97 -12.33 -2.50
CA GLU A 48 13.37 -12.00 -2.18
C GLU A 48 14.22 -11.74 -3.45
N ASP A 49 14.00 -12.58 -4.46
CA ASP A 49 14.71 -12.58 -5.77
C ASP A 49 14.31 -11.30 -6.50
N LEU A 50 13.01 -10.98 -6.48
CA LEU A 50 12.59 -9.73 -7.12
C LEU A 50 13.20 -8.52 -6.49
N VAL A 51 13.24 -8.51 -5.16
CA VAL A 51 13.73 -7.26 -4.50
C VAL A 51 15.22 -7.09 -4.77
N GLU A 52 15.94 -8.18 -4.62
CA GLU A 52 17.42 -8.12 -4.78
C GLU A 52 17.86 -7.82 -6.23
N HIS A 53 17.19 -8.41 -7.21
CA HIS A 53 17.68 -8.45 -8.58
C HIS A 53 16.83 -7.66 -9.59
N THR A 54 15.67 -7.08 -9.19
CA THR A 54 14.88 -6.31 -10.14
C THR A 54 14.65 -4.88 -9.62
N SER A 55 13.52 -4.31 -9.90
CA SER A 55 13.22 -2.91 -9.58
C SER A 55 11.69 -2.81 -9.65
N PHE A 56 11.15 -1.76 -9.10
CA PHE A 56 9.71 -1.60 -9.13
C PHE A 56 9.19 -1.55 -10.57
N GLU A 57 9.87 -0.82 -11.47
CA GLU A 57 9.42 -0.76 -12.89
C GLU A 57 9.32 -2.14 -13.52
N GLU A 58 10.31 -2.98 -13.22
CA GLU A 58 10.27 -4.35 -13.68
C GLU A 58 9.14 -5.17 -13.11
N VAL A 59 8.82 -4.95 -11.83
CA VAL A 59 7.72 -5.62 -11.23
C VAL A 59 6.35 -5.07 -11.75
N VAL A 60 6.28 -3.79 -12.05
CA VAL A 60 5.09 -3.26 -12.73
C VAL A 60 4.83 -4.03 -14.03
N HIS A 61 5.90 -4.21 -14.83
CA HIS A 61 5.80 -4.99 -16.09
C HIS A 61 5.40 -6.43 -15.84
N LEU A 62 5.97 -7.07 -14.84
CA LEU A 62 5.59 -8.44 -14.49
C LEU A 62 4.16 -8.60 -14.11
N MET A 63 3.64 -7.72 -13.27
CA MET A 63 2.25 -7.79 -12.84
C MET A 63 1.25 -7.48 -13.94
N LEU A 64 1.59 -6.55 -14.80
CA LEU A 64 0.66 -6.13 -15.87
C LEU A 64 0.77 -7.02 -17.12
N TYR A 65 1.96 -7.52 -17.42
CA TYR A 65 2.19 -8.26 -18.68
C TYR A 65 2.56 -9.71 -18.49
N GLY A 66 2.88 -10.12 -17.27
CA GLY A 66 3.08 -11.56 -16.97
C GLY A 66 4.52 -12.04 -17.03
N ASP A 67 5.47 -11.18 -17.39
CA ASP A 67 6.88 -11.50 -17.37
C ASP A 67 7.68 -10.31 -17.10
N LEU A 68 8.93 -10.53 -16.67
CA LEU A 68 9.89 -9.50 -16.50
C LEU A 68 10.26 -8.96 -17.88
N PRO A 69 10.55 -7.65 -17.97
CA PRO A 69 10.68 -7.10 -19.30
C PRO A 69 12.07 -7.30 -19.91
N THR A 70 12.10 -7.28 -21.27
CA THR A 70 13.35 -7.03 -21.99
C THR A 70 13.80 -5.61 -21.87
N LYS A 71 15.04 -5.34 -22.25
CA LYS A 71 15.56 -3.95 -22.28
C LYS A 71 14.61 -2.96 -22.99
N LEU A 72 14.10 -3.36 -24.14
CA LEU A 72 13.30 -2.45 -24.96
C LEU A 72 11.92 -2.27 -24.29
N GLN A 73 11.38 -3.34 -23.75
CA GLN A 73 10.12 -3.26 -23.00
C GLN A 73 10.28 -2.33 -21.82
N LEU A 74 11.37 -2.46 -21.11
CA LEU A 74 11.62 -1.64 -19.93
C LEU A 74 11.73 -0.18 -20.28
N GLN A 75 12.47 0.09 -21.36
CA GLN A 75 12.58 1.43 -21.88
C GLN A 75 11.26 2.10 -22.24
N ARG A 76 10.36 1.40 -22.90
CA ARG A 76 9.06 1.95 -23.29
C ARG A 76 8.24 2.23 -22.03
N LEU A 77 8.34 1.32 -21.05
CA LEU A 77 7.64 1.50 -19.76
C LEU A 77 8.12 2.69 -19.02
N LYS A 78 9.42 2.86 -18.87
CA LYS A 78 9.95 4.04 -18.27
C LYS A 78 9.55 5.36 -18.93
N SER A 79 9.59 5.45 -20.25
CA SER A 79 9.14 6.68 -20.95
C SER A 79 7.64 6.94 -20.69
N ALA A 80 6.85 5.90 -20.64
CA ALA A 80 5.39 6.06 -20.37
C ALA A 80 5.14 6.59 -18.94
N LEU A 81 5.91 6.08 -17.97
CA LEU A 81 5.85 6.64 -16.61
C LEU A 81 6.23 8.10 -16.61
N ASP A 82 7.35 8.45 -17.28
CA ASP A 82 7.82 9.83 -17.30
C ASP A 82 6.82 10.83 -17.86
N GLU A 83 6.12 10.42 -18.88
CA GLU A 83 5.22 11.40 -19.53
C GLU A 83 3.90 11.50 -18.73
N ALA A 84 3.62 10.49 -17.88
CA ALA A 84 2.38 10.47 -17.11
C ALA A 84 2.45 11.24 -15.78
N TYR A 85 3.60 11.57 -15.24
CA TYR A 85 3.67 12.22 -13.91
C TYR A 85 2.86 13.49 -13.81
N GLU A 86 2.91 14.33 -14.85
CA GLU A 86 2.23 15.61 -14.87
C GLU A 86 0.72 15.39 -14.86
N VAL A 87 0.05 16.04 -13.91
CA VAL A 87 -1.42 16.10 -13.88
C VAL A 87 -1.90 17.54 -13.92
N PRO A 88 -3.18 17.77 -14.18
CA PRO A 88 -3.58 19.18 -14.24
C PRO A 88 -3.51 19.82 -12.92
N GLN A 89 -3.26 21.12 -12.97
CA GLN A 89 -3.15 21.93 -11.78
C GLN A 89 -4.36 21.83 -10.83
N GLN A 90 -5.53 21.59 -11.41
CA GLN A 90 -6.75 21.47 -10.64
C GLN A 90 -6.68 20.29 -9.67
N VAL A 91 -5.99 19.19 -10.05
CA VAL A 91 -5.85 18.04 -9.15
C VAL A 91 -4.98 18.45 -7.93
N ILE A 92 -3.87 19.14 -8.22
CA ILE A 92 -2.99 19.62 -7.19
C ILE A 92 -3.74 20.60 -6.29
N ASP A 93 -4.50 21.53 -6.88
CA ASP A 93 -5.25 22.53 -6.11
C ASP A 93 -6.19 21.85 -5.14
N MET A 94 -6.79 20.76 -5.58
CA MET A 94 -7.73 20.07 -4.72
C MET A 94 -7.09 19.46 -3.52
N ILE A 95 -5.92 18.85 -3.71
CA ILE A 95 -5.18 18.31 -2.60
C ILE A 95 -4.87 19.41 -1.54
N TYR A 96 -4.43 20.55 -2.07
CA TYR A 96 -4.02 21.67 -1.22
C TYR A 96 -5.22 22.45 -0.67
N SER A 97 -6.45 22.15 -1.08
CA SER A 97 -7.58 22.85 -0.50
C SER A 97 -8.28 22.07 0.63
N LEU A 98 -7.95 20.79 0.80
CA LEU A 98 -8.45 20.01 1.94
C LEU A 98 -7.80 20.46 3.23
N PRO A 99 -8.47 20.30 4.38
CA PRO A 99 -7.81 20.63 5.64
C PRO A 99 -6.52 19.87 5.81
N ARG A 100 -5.49 20.55 6.29
CA ARG A 100 -4.17 19.98 6.36
C ARG A 100 -4.10 18.82 7.35
N ASP A 101 -5.02 18.71 8.29
CA ASP A 101 -5.08 17.60 9.20
C ASP A 101 -5.91 16.42 8.65
N SER A 102 -6.34 16.46 7.39
CA SER A 102 -7.20 15.37 6.86
C SER A 102 -6.39 14.07 6.73
N ASP A 103 -7.08 12.95 6.86
CA ASP A 103 -6.45 11.64 6.67
C ASP A 103 -5.80 11.60 5.26
N ALA A 104 -4.53 11.21 5.18
CA ALA A 104 -3.82 11.22 3.91
C ALA A 104 -4.47 10.28 2.87
N VAL A 105 -4.99 9.12 3.28
CA VAL A 105 -5.63 8.23 2.35
C VAL A 105 -6.89 8.89 1.75
N GLY A 106 -7.61 9.69 2.55
CA GLY A 106 -8.77 10.47 2.12
C GLY A 106 -8.40 11.53 1.09
N MET A 107 -7.27 12.18 1.31
CA MET A 107 -6.78 13.11 0.32
C MET A 107 -6.44 12.41 -1.00
N MET A 108 -5.81 11.23 -0.94
CA MET A 108 -5.59 10.43 -2.11
C MET A 108 -6.91 10.08 -2.80
N GLU A 109 -7.92 9.66 -2.06
CA GLU A 109 -9.20 9.29 -2.57
C GLU A 109 -9.79 10.45 -3.39
N THR A 110 -9.65 11.67 -2.89
CA THR A 110 -10.20 12.83 -3.53
C THR A 110 -9.46 13.13 -4.83
N ALA A 111 -8.14 13.08 -4.75
CA ALA A 111 -7.30 13.26 -5.93
C ALA A 111 -7.53 12.22 -7.01
N PHE A 112 -7.72 10.97 -6.63
CA PHE A 112 -8.01 9.91 -7.61
C PHE A 112 -9.41 10.05 -8.20
N SER A 113 -10.36 10.65 -7.44
CA SER A 113 -11.71 10.89 -8.03
C SER A 113 -11.58 11.95 -9.11
N ALA A 114 -10.78 12.98 -8.84
CA ALA A 114 -10.54 14.00 -9.85
C ALA A 114 -9.81 13.49 -11.06
N LEU A 115 -8.79 12.66 -10.87
CA LEU A 115 -8.11 11.96 -11.96
C LEU A 115 -9.06 11.09 -12.75
N SER A 116 -10.00 10.40 -12.09
CA SER A 116 -10.99 9.67 -12.78
C SER A 116 -11.86 10.52 -13.74
N SER A 117 -12.28 11.68 -13.29
CA SER A 117 -13.10 12.59 -14.05
C SER A 117 -12.35 13.15 -15.25
N ILE A 118 -11.04 13.35 -15.11
CA ILE A 118 -10.21 13.94 -16.17
C ILE A 118 -9.71 12.87 -17.18
N TYR A 119 -9.22 11.74 -16.69
CA TYR A 119 -8.51 10.76 -17.46
C TYR A 119 -9.23 9.46 -17.69
N GLY A 120 -10.31 9.22 -16.95
CA GLY A 120 -10.98 7.91 -17.01
C GLY A 120 -11.35 7.54 -18.46
N MET A 121 -11.02 6.34 -18.88
CA MET A 121 -11.38 5.85 -20.22
C MET A 121 -12.06 4.49 -20.13
N PRO A 122 -12.79 4.08 -21.18
CA PRO A 122 -13.47 2.81 -21.09
C PRO A 122 -12.47 1.63 -21.12
N TRP A 123 -12.92 0.49 -20.63
CA TRP A 123 -12.10 -0.72 -20.71
C TRP A 123 -11.88 -1.05 -22.19
N ASN A 124 -10.65 -1.39 -22.48
CA ASN A 124 -10.19 -1.72 -23.85
C ASN A 124 -8.96 -2.64 -23.75
N LYS A 125 -9.09 -3.89 -24.18
CA LYS A 125 -7.94 -4.84 -24.06
C LYS A 125 -6.60 -4.31 -24.50
N ALA A 126 -6.53 -3.59 -25.62
CA ALA A 126 -5.26 -3.09 -26.15
C ALA A 126 -4.57 -1.98 -25.33
N THR A 127 -5.34 -1.24 -24.56
CA THR A 127 -4.83 -0.11 -23.82
C THR A 127 -4.97 -0.21 -22.26
N ASN A 128 -5.61 -1.23 -21.74
CA ASN A 128 -5.81 -1.36 -20.27
C ASN A 128 -4.46 -1.25 -19.51
N ARG A 129 -3.40 -1.90 -19.99
CA ARG A 129 -2.16 -1.95 -19.28
C ARG A 129 -1.44 -0.64 -19.38
N ASP A 130 -1.49 0.02 -20.57
CA ASP A 130 -0.94 1.36 -20.70
C ASP A 130 -1.66 2.33 -19.73
N ASN A 131 -2.98 2.25 -19.63
CA ASN A 131 -3.75 3.10 -18.68
C ASN A 131 -3.32 2.85 -17.23
N ALA A 132 -3.06 1.60 -16.87
CA ALA A 132 -2.58 1.27 -15.51
C ALA A 132 -1.19 1.84 -15.21
N VAL A 133 -0.29 1.77 -16.22
CA VAL A 133 1.06 2.34 -16.07
C VAL A 133 1.01 3.82 -15.79
N LYS A 134 0.15 4.51 -16.53
CA LYS A 134 0.00 5.94 -16.33
C LYS A 134 -0.60 6.24 -14.92
N LEU A 135 -1.52 5.41 -14.49
CA LEU A 135 -2.12 5.60 -13.16
C LEU A 135 -1.06 5.44 -12.05
N VAL A 136 -0.20 4.44 -12.17
CA VAL A 136 0.85 4.20 -11.16
C VAL A 136 1.79 5.41 -11.06
N ALA A 137 2.19 5.96 -12.19
CA ALA A 137 2.89 7.24 -12.17
C ALA A 137 2.21 8.36 -11.49
N ARG A 138 0.94 8.50 -11.78
CA ARG A 138 0.15 9.56 -11.19
C ARG A 138 -0.10 9.35 -9.67
N ALA A 139 -0.08 8.09 -9.23
CA ALA A 139 -0.08 7.76 -7.80
C ALA A 139 1.12 8.34 -7.11
N SER A 140 2.27 8.30 -7.79
CA SER A 140 3.49 8.95 -7.29
C SER A 140 3.28 10.46 -7.10
N THR A 141 2.76 11.11 -8.13
CA THR A 141 2.49 12.54 -8.05
C THR A 141 1.54 12.91 -6.93
N VAL A 142 0.45 12.15 -6.81
CA VAL A 142 -0.52 12.34 -5.74
C VAL A 142 0.04 12.14 -4.36
N VAL A 143 0.80 11.07 -4.12
CA VAL A 143 1.26 10.80 -2.77
C VAL A 143 2.33 11.84 -2.32
N ALA A 144 3.18 12.24 -3.25
CA ALA A 144 4.22 13.22 -2.96
C ALA A 144 3.55 14.56 -2.57
N ASN A 145 2.48 14.91 -3.26
CA ASN A 145 1.77 16.17 -3.03
C ASN A 145 0.87 16.18 -1.82
N VAL A 146 0.36 14.97 -1.44
CA VAL A 146 -0.36 14.82 -0.20
C VAL A 146 0.59 15.10 0.98
N LEU A 147 1.80 14.56 0.92
CA LEU A 147 2.77 14.82 1.97
C LEU A 147 3.06 16.33 2.05
N ARG A 148 3.31 16.89 0.87
CA ARG A 148 3.74 18.28 0.82
C ARG A 148 2.63 19.28 1.25
N ALA A 149 1.39 19.02 0.85
CA ALA A 149 0.27 19.74 1.41
C ALA A 149 0.13 19.69 2.90
N LYS A 150 0.25 18.50 3.46
CA LYS A 150 0.09 18.33 4.89
C LYS A 150 1.25 19.04 5.66
N GLU A 151 2.40 19.10 5.06
CA GLU A 151 3.57 19.75 5.62
C GLU A 151 3.58 21.28 5.32
N GLY A 152 2.70 21.78 4.44
CA GLY A 152 2.60 23.21 4.10
C GLY A 152 3.73 23.63 3.21
N LYS A 153 4.23 22.74 2.34
CA LYS A 153 5.27 23.08 1.35
C LYS A 153 4.66 23.28 -0.03
N LYS A 154 5.39 23.98 -0.89
CA LYS A 154 4.96 24.16 -2.23
C LYS A 154 4.84 22.84 -3.02
N PRO A 155 3.90 22.73 -4.00
CA PRO A 155 3.81 21.47 -4.77
C PRO A 155 5.08 21.07 -5.51
N ALA A 156 5.19 19.80 -5.85
CA ALA A 156 6.29 19.34 -6.72
C ALA A 156 5.82 18.15 -7.53
N ILE A 157 6.11 18.16 -8.80
CA ILE A 157 5.76 17.05 -9.71
C ILE A 157 6.98 16.19 -9.92
N PRO A 158 6.85 14.85 -9.76
CA PRO A 158 7.99 14.00 -10.12
C PRO A 158 8.50 14.23 -11.53
N GLU A 159 9.81 14.15 -11.66
CA GLU A 159 10.48 14.30 -12.96
C GLU A 159 11.29 13.09 -13.25
N PRO A 160 11.57 12.86 -14.55
CA PRO A 160 12.40 11.75 -14.94
C PRO A 160 13.70 11.66 -14.17
N SER A 161 14.12 10.43 -13.87
CA SER A 161 15.39 10.17 -13.16
C SER A 161 15.75 8.77 -13.48
N GLU A 162 16.75 8.29 -12.81
CA GLU A 162 17.19 6.88 -12.92
C GLU A 162 16.18 5.85 -12.46
N SER A 163 15.22 6.24 -11.61
CA SER A 163 14.17 5.30 -11.24
C SER A 163 12.94 5.97 -10.63
N PHE A 164 11.87 5.19 -10.65
CA PHE A 164 10.59 5.60 -10.08
C PHE A 164 10.74 5.95 -8.65
N ALA A 165 11.42 5.08 -7.92
CA ALA A 165 11.68 5.35 -6.49
C ALA A 165 12.39 6.66 -6.26
N LYS A 166 13.46 6.91 -7.05
CA LYS A 166 14.19 8.17 -6.92
C LYS A 166 13.36 9.42 -7.26
N SER A 167 12.60 9.35 -8.32
CA SER A 167 11.71 10.46 -8.73
C SER A 167 10.69 10.80 -7.66
N PHE A 168 10.17 9.74 -7.01
CA PHE A 168 9.17 9.88 -5.94
C PHE A 168 9.79 10.54 -4.69
N LEU A 169 10.99 10.08 -4.29
CA LEU A 169 11.68 10.66 -3.16
C LEU A 169 12.13 12.11 -3.39
N LYS A 170 12.61 12.41 -4.58
CA LYS A 170 12.97 13.77 -4.90
C LYS A 170 11.80 14.72 -4.93
N ALA A 171 10.65 14.28 -5.46
CA ALA A 171 9.44 15.13 -5.44
C ALA A 171 8.97 15.32 -4.02
N SER A 172 8.96 14.23 -3.25
CA SER A 172 8.54 14.31 -1.84
C SER A 172 9.32 15.31 -0.95
N PHE A 173 10.66 15.27 -1.11
CA PHE A 173 11.50 15.94 -0.14
C PHE A 173 12.35 17.11 -0.65
N SER A 174 12.39 17.32 -1.95
CA SER A 174 13.25 18.40 -2.57
C SER A 174 14.74 18.28 -2.15
N ARG A 175 15.28 17.09 -2.16
CA ARG A 175 16.69 16.90 -1.98
C ARG A 175 16.95 15.60 -2.73
N THR A 176 18.19 15.32 -3.08
CA THR A 176 18.52 14.12 -3.86
C THR A 176 18.76 13.03 -2.86
N PRO A 177 17.98 11.96 -2.93
CA PRO A 177 18.20 10.89 -1.97
C PRO A 177 19.55 10.17 -2.25
N THR A 178 20.11 9.50 -1.25
CA THR A 178 21.25 8.60 -1.45
C THR A 178 20.84 7.30 -2.16
N GLU A 179 21.81 6.55 -2.68
CA GLU A 179 21.50 5.29 -3.32
C GLU A 179 20.83 4.30 -2.37
N GLU A 180 21.24 4.34 -1.10
CA GLU A 180 20.68 3.39 -0.11
C GLU A 180 19.17 3.73 0.14
N GLU A 181 18.87 5.01 0.16
CA GLU A 181 17.50 5.49 0.33
C GLU A 181 16.65 5.09 -0.87
N VAL A 182 17.17 5.24 -2.09
CA VAL A 182 16.50 4.84 -3.24
C VAL A 182 16.20 3.35 -3.22
N LYS A 183 17.19 2.57 -2.87
CA LYS A 183 17.03 1.14 -2.94
C LYS A 183 15.93 0.70 -1.89
N ALA A 184 15.92 1.33 -0.75
CA ALA A 184 14.94 0.97 0.33
C ALA A 184 13.52 1.28 -0.15
N MET A 185 13.37 2.40 -0.79
CA MET A 185 12.02 2.84 -1.31
C MET A 185 11.59 1.91 -2.42
N ASP A 186 12.51 1.54 -3.31
CA ASP A 186 12.22 0.63 -4.36
C ASP A 186 11.78 -0.72 -3.79
N ALA A 187 12.53 -1.17 -2.80
CA ALA A 187 12.14 -2.43 -2.15
C ALA A 187 10.70 -2.38 -1.57
N ALA A 188 10.40 -1.31 -0.85
CA ALA A 188 9.11 -1.10 -0.20
C ALA A 188 8.01 -1.13 -1.22
N LEU A 189 8.21 -0.49 -2.38
CA LEU A 189 7.25 -0.51 -3.47
C LEU A 189 7.02 -1.88 -4.01
N ILE A 190 8.06 -2.68 -4.12
CA ILE A 190 7.85 -4.09 -4.54
C ILE A 190 7.15 -4.91 -3.46
N LEU A 191 7.58 -4.69 -2.22
CA LEU A 191 7.12 -5.53 -1.10
C LEU A 191 5.62 -5.46 -0.84
N TYR A 192 5.05 -4.28 -0.99
CA TYR A 192 3.67 -4.02 -0.74
C TYR A 192 2.75 -4.13 -1.99
N ALA A 193 3.31 -4.58 -3.15
CA ALA A 193 2.59 -4.43 -4.40
C ALA A 193 1.31 -5.26 -4.43
N ASP A 194 1.29 -6.49 -3.92
CA ASP A 194 0.08 -7.26 -3.94
C ASP A 194 0.11 -8.35 -2.85
N HIS A 195 -1.06 -8.66 -2.28
CA HIS A 195 -1.15 -9.77 -1.30
C HIS A 195 -2.59 -10.08 -0.96
N GLU A 196 -3.03 -11.30 -1.24
CA GLU A 196 -4.39 -11.74 -0.83
C GLU A 196 -5.45 -10.84 -1.54
N VAL A 197 -6.68 -10.86 -1.04
CA VAL A 197 -7.75 -10.09 -1.61
C VAL A 197 -8.42 -9.38 -0.44
N PRO A 198 -7.75 -8.34 0.09
CA PRO A 198 -8.37 -7.58 1.19
C PRO A 198 -9.50 -6.68 0.67
N ALA A 199 -10.18 -6.00 1.58
CA ALA A 199 -11.39 -5.24 1.23
C ALA A 199 -11.13 -4.23 0.14
N SER A 200 -9.96 -3.60 0.17
CA SER A 200 -9.63 -2.65 -0.89
C SER A 200 -9.61 -3.26 -2.30
N THR A 201 -9.03 -4.43 -2.43
CA THR A 201 -9.00 -5.12 -3.71
C THR A 201 -10.42 -5.54 -4.06
N THR A 202 -11.18 -6.03 -3.08
CA THR A 202 -12.57 -6.43 -3.31
C THR A 202 -13.43 -5.23 -3.82
N ALA A 203 -13.28 -4.04 -3.21
CA ALA A 203 -14.00 -2.86 -3.69
C ALA A 203 -13.63 -2.50 -5.11
N ALA A 204 -12.35 -2.60 -5.43
CA ALA A 204 -11.87 -2.36 -6.82
C ALA A 204 -12.54 -3.34 -7.78
N LEU A 205 -12.63 -4.62 -7.43
CA LEU A 205 -13.22 -5.62 -8.25
C LEU A 205 -14.72 -5.39 -8.48
N VAL A 206 -15.44 -5.04 -7.43
CA VAL A 206 -16.85 -4.71 -7.53
C VAL A 206 -17.08 -3.53 -8.48
N THR A 207 -16.26 -2.53 -8.36
CA THR A 207 -16.36 -1.35 -9.17
C THR A 207 -16.05 -1.73 -10.63
N SER A 208 -15.05 -2.59 -10.85
CA SER A 208 -14.66 -2.97 -12.19
C SER A 208 -15.79 -3.75 -12.89
N SER A 209 -16.62 -4.42 -12.12
CA SER A 209 -17.74 -5.24 -12.66
C SER A 209 -18.79 -4.44 -13.44
N THR A 210 -18.87 -3.16 -13.20
CA THR A 210 -19.77 -2.29 -13.94
C THR A 210 -19.07 -1.62 -15.11
N LEU A 211 -17.75 -1.85 -15.24
CA LEU A 211 -16.91 -1.27 -16.24
C LEU A 211 -16.61 0.17 -15.95
N SER A 212 -16.71 0.55 -14.68
CA SER A 212 -16.18 1.85 -14.25
C SER A 212 -14.68 1.91 -14.56
N ASP A 213 -14.18 3.09 -14.94
CA ASP A 213 -12.78 3.25 -15.31
C ASP A 213 -11.78 2.89 -14.18
N ILE A 214 -10.60 2.52 -14.61
CA ILE A 214 -9.57 2.09 -13.68
C ILE A 214 -9.24 3.06 -12.53
N TYR A 215 -9.31 4.37 -12.79
CA TYR A 215 -9.11 5.31 -11.74
C TYR A 215 -10.20 5.22 -10.64
N SER A 216 -11.46 5.02 -11.05
CA SER A 216 -12.60 4.86 -10.12
C SER A 216 -12.49 3.53 -9.37
N CYS A 217 -11.93 2.50 -10.00
CA CYS A 217 -11.60 1.28 -9.27
C CYS A 217 -10.65 1.56 -8.11
N VAL A 218 -9.60 2.34 -8.36
CA VAL A 218 -8.69 2.77 -7.30
C VAL A 218 -9.40 3.67 -6.26
N VAL A 219 -10.29 4.55 -6.66
CA VAL A 219 -11.07 5.37 -5.71
C VAL A 219 -11.80 4.46 -4.72
N ALA A 220 -12.45 3.43 -5.22
CA ALA A 220 -13.16 2.53 -4.34
C ALA A 220 -12.22 1.76 -3.37
N ALA A 221 -11.09 1.33 -3.90
CA ALA A 221 -10.06 0.71 -3.09
C ALA A 221 -9.60 1.58 -1.96
N LEU A 222 -9.34 2.86 -2.28
CA LEU A 222 -8.96 3.81 -1.26
C LEU A 222 -10.01 4.16 -0.24
N ALA A 223 -11.27 4.20 -0.68
CA ALA A 223 -12.41 4.35 0.22
C ALA A 223 -12.43 3.23 1.26
N ALA A 224 -12.23 2.00 0.84
CA ALA A 224 -12.15 0.89 1.76
C ALA A 224 -10.89 0.89 2.67
N LEU A 225 -9.75 1.30 2.12
CA LEU A 225 -8.49 1.38 2.84
C LEU A 225 -8.56 2.45 3.94
N LYS A 226 -9.40 3.47 3.79
CA LYS A 226 -9.51 4.48 4.78
C LYS A 226 -10.07 3.90 6.12
N GLY A 227 -10.80 2.78 6.07
CA GLY A 227 -11.43 2.21 7.23
C GLY A 227 -10.42 1.62 8.21
N PRO A 228 -10.65 1.83 9.54
CA PRO A 228 -9.59 1.42 10.48
C PRO A 228 -9.52 -0.07 10.72
N LEU A 229 -10.38 -0.86 10.09
CA LEU A 229 -10.09 -2.29 10.07
C LEU A 229 -9.23 -2.78 8.93
N HIS A 230 -8.80 -1.87 8.05
CA HIS A 230 -7.96 -2.24 6.93
C HIS A 230 -6.72 -1.32 6.90
N GLY A 231 -6.92 -0.02 6.85
CA GLY A 231 -5.79 0.94 6.84
C GLY A 231 -5.23 1.13 8.24
N GLY A 232 -4.00 1.61 8.32
CA GLY A 232 -3.43 2.02 9.58
C GLY A 232 -2.53 0.98 10.29
N ALA A 233 -2.35 -0.21 9.72
CA ALA A 233 -1.55 -1.24 10.42
C ALA A 233 -0.07 -0.84 10.59
N ALA A 234 0.55 -0.23 9.57
CA ALA A 234 1.96 0.16 9.72
C ALA A 234 2.08 1.27 10.76
N GLU A 235 1.12 2.16 10.78
CA GLU A 235 1.08 3.22 11.81
C GLU A 235 0.92 2.65 13.22
N GLU A 236 0.05 1.65 13.38
CA GLU A 236 -0.25 1.13 14.72
C GLU A 236 1.02 0.39 15.26
N ALA A 237 1.69 -0.33 14.39
CA ALA A 237 2.90 -1.04 14.82
C ALA A 237 3.96 -0.03 15.24
N PHE A 238 4.18 1.01 14.45
CA PHE A 238 5.25 1.96 14.66
C PHE A 238 4.96 2.86 15.89
N LYS A 239 3.69 3.11 16.15
CA LYS A 239 3.27 3.88 17.32
C LYS A 239 3.65 3.25 18.64
N GLN A 240 3.78 1.92 18.66
CA GLN A 240 4.39 1.25 19.79
C GLN A 240 5.81 1.73 20.08
N PHE A 241 6.61 1.91 19.04
CA PHE A 241 8.00 2.36 19.18
C PHE A 241 8.06 3.80 19.66
N VAL A 242 7.14 4.60 19.16
CA VAL A 242 7.07 5.98 19.57
C VAL A 242 6.73 6.13 21.05
N GLU A 243 5.82 5.32 21.52
CA GLU A 243 5.40 5.30 22.90
C GLU A 243 6.54 4.84 23.83
N ILE A 244 7.29 3.85 23.38
CA ILE A 244 8.47 3.38 24.12
C ILE A 244 9.51 4.50 24.22
N GLY A 245 9.80 5.20 23.12
CA GLY A 245 10.61 6.40 23.16
C GLY A 245 12.09 6.20 23.14
N GLU A 246 12.61 5.30 23.98
CA GLU A 246 14.08 5.04 24.12
C GLU A 246 14.31 3.54 24.28
N PRO A 247 15.35 2.99 23.65
CA PRO A 247 15.55 1.55 23.69
C PRO A 247 15.59 0.88 25.08
N ASP A 248 16.19 1.60 26.02
CA ASP A 248 16.26 1.10 27.43
C ASP A 248 14.89 1.03 28.13
N MET A 249 13.84 1.54 27.51
CA MET A 249 12.49 1.45 28.04
C MET A 249 11.66 0.31 27.48
N THR A 250 12.19 -0.41 26.48
CA THR A 250 11.39 -1.43 25.78
C THR A 250 10.93 -2.56 26.65
N GLU A 251 11.82 -3.12 27.44
CA GLU A 251 11.45 -4.24 28.31
C GLU A 251 10.33 -3.90 29.25
N SER A 252 10.41 -2.71 29.85
CA SER A 252 9.36 -2.25 30.75
C SER A 252 7.99 -2.08 30.06
N TRP A 253 7.99 -1.45 28.88
CA TRP A 253 6.80 -1.33 28.10
C TRP A 253 6.20 -2.73 27.79
N PHE A 254 7.06 -3.63 27.39
CA PHE A 254 6.62 -5.01 26.99
C PHE A 254 6.06 -5.70 28.25
N LYS A 255 6.76 -5.59 29.39
CA LYS A 255 6.22 -6.16 30.68
C LYS A 255 4.83 -5.64 31.04
N ARG A 256 4.66 -4.34 30.96
CA ARG A 256 3.42 -3.67 31.32
C ARG A 256 2.26 -3.88 30.33
N LYS A 257 2.47 -3.64 29.03
CA LYS A 257 1.42 -3.64 28.04
C LYS A 257 1.09 -5.04 27.50
N ILE A 258 2.12 -5.85 27.29
CA ILE A 258 2.00 -7.16 26.65
C ILE A 258 1.86 -8.31 27.67
N ILE A 259 2.80 -8.43 28.58
CA ILE A 259 2.81 -9.55 29.54
C ILE A 259 1.65 -9.34 30.55
N GLU A 260 1.50 -8.14 31.13
CA GLU A 260 0.50 -7.89 32.21
C GLU A 260 -0.83 -7.48 31.65
N GLY A 261 -0.83 -6.56 30.67
CA GLY A 261 -2.06 -6.08 30.10
C GLY A 261 -2.68 -6.93 29.02
N LYS A 262 -1.94 -7.96 28.57
CA LYS A 262 -2.39 -8.87 27.50
C LYS A 262 -2.78 -8.27 26.20
N SER A 263 -2.28 -7.08 25.90
CA SER A 263 -2.48 -6.58 24.56
C SER A 263 -1.69 -7.48 23.56
N ARG A 264 -2.19 -7.54 22.33
CA ARG A 264 -1.45 -8.14 21.28
C ARG A 264 -0.31 -7.22 20.90
N LEU A 265 0.72 -7.81 20.31
CA LEU A 265 1.84 -7.06 19.88
C LEU A 265 1.53 -6.69 18.44
N MET A 266 1.40 -5.37 18.14
CA MET A 266 1.05 -4.96 16.82
C MET A 266 2.21 -5.18 15.83
N GLY A 267 1.88 -5.59 14.61
CA GLY A 267 2.86 -6.04 13.65
C GLY A 267 3.43 -7.40 13.82
N PHE A 268 2.80 -8.18 14.73
CA PHE A 268 3.02 -9.61 14.86
C PHE A 268 1.73 -10.31 14.46
N GLY A 269 1.90 -11.50 13.92
CA GLY A 269 0.77 -12.38 13.63
C GLY A 269 0.22 -12.23 12.21
N HIS A 270 -0.35 -13.29 11.65
CA HIS A 270 -0.89 -13.17 10.33
C HIS A 270 -1.91 -14.24 10.13
N ARG A 271 -2.99 -13.93 9.39
CA ARG A 271 -4.04 -15.00 9.16
C ARG A 271 -3.57 -16.16 8.30
N VAL A 272 -2.58 -15.96 7.44
CA VAL A 272 -2.08 -16.98 6.51
C VAL A 272 -0.71 -17.52 6.90
N TYR A 273 0.26 -16.63 7.09
CA TYR A 273 1.62 -17.01 7.45
C TYR A 273 1.71 -17.54 8.88
N LYS A 274 2.23 -18.74 9.04
CA LYS A 274 2.45 -19.33 10.35
C LYS A 274 3.96 -19.35 10.67
N THR A 275 4.72 -18.52 9.96
CA THR A 275 6.16 -18.38 10.02
C THR A 275 6.36 -16.85 10.00
N TYR A 276 7.62 -16.40 10.06
CA TYR A 276 7.91 -15.01 9.66
C TYR A 276 7.28 -14.71 8.26
N ASP A 277 6.70 -13.55 8.12
CA ASP A 277 6.20 -13.08 6.82
C ASP A 277 7.46 -12.81 6.01
N PRO A 278 7.58 -13.40 4.81
CA PRO A 278 8.81 -13.16 4.02
C PRO A 278 9.08 -11.71 3.77
N ARG A 279 8.03 -10.88 3.75
CA ARG A 279 8.27 -9.45 3.59
C ARG A 279 8.95 -8.78 4.76
N ALA A 280 8.74 -9.31 5.98
CA ALA A 280 9.22 -8.67 7.18
C ALA A 280 10.72 -8.76 7.23
N LYS A 281 11.32 -9.86 6.83
CA LYS A 281 12.75 -9.99 6.83
C LYS A 281 13.43 -9.00 5.86
N ILE A 282 12.73 -8.71 4.77
CA ILE A 282 13.29 -7.82 3.77
C ILE A 282 13.15 -6.39 4.24
N PHE A 283 11.95 -6.01 4.73
CA PHE A 283 11.86 -4.66 5.33
C PHE A 283 12.95 -4.45 6.42
N LYS A 284 13.18 -5.50 7.24
CA LYS A 284 14.21 -5.36 8.27
C LYS A 284 15.61 -5.02 7.73
N LYS A 285 15.99 -5.74 6.71
CA LYS A 285 17.29 -5.58 6.04
C LYS A 285 17.47 -4.15 5.62
N TYR A 286 16.43 -3.59 4.97
CA TYR A 286 16.53 -2.28 4.44
C TYR A 286 16.41 -1.23 5.51
N ALA A 287 15.71 -1.51 6.62
CA ALA A 287 15.63 -0.59 7.73
C ALA A 287 16.99 -0.31 8.42
N LYS A 288 17.78 -1.36 8.57
CA LYS A 288 19.09 -1.33 9.22
C LYS A 288 20.06 -0.33 8.56
N VAL A 289 20.24 -0.48 7.29
CA VAL A 289 21.06 0.45 6.51
C VAL A 289 20.73 1.95 6.66
N ILE A 290 19.50 2.31 6.30
CA ILE A 290 19.16 3.71 6.26
C ILE A 290 18.84 4.31 7.62
N SER A 291 18.51 3.49 8.61
CA SER A 291 18.22 4.02 9.95
C SER A 291 19.41 4.57 10.69
N GLU A 292 20.57 4.02 10.38
CA GLU A 292 21.78 4.31 11.15
C GLU A 292 22.22 5.74 10.98
N ARG A 293 21.98 6.28 9.79
CA ARG A 293 22.39 7.64 9.45
C ARG A 293 21.51 8.80 10.00
N ASN A 294 20.51 8.52 10.82
CA ASN A 294 19.86 9.57 11.63
C ASN A 294 19.56 8.98 13.02
N SER A 295 19.96 9.67 14.08
CA SER A 295 19.87 9.08 15.43
C SER A 295 18.42 8.89 15.91
N ASP A 296 17.46 9.68 15.41
CA ASP A 296 16.04 9.44 15.69
C ASP A 296 15.52 8.11 15.04
N ALA A 297 15.73 8.00 13.73
CA ALA A 297 15.45 6.78 13.00
C ALA A 297 16.15 5.58 13.60
N ARG A 298 17.39 5.78 14.06
CA ARG A 298 18.22 4.68 14.61
C ARG A 298 17.58 4.17 15.90
N LYS A 299 17.11 5.10 16.74
CA LYS A 299 16.48 4.80 17.98
C LYS A 299 15.24 3.89 17.78
N TYR A 300 14.42 4.23 16.79
CA TYR A 300 13.21 3.44 16.48
C TYR A 300 13.55 2.06 15.98
N PHE A 301 14.58 1.92 15.17
CA PHE A 301 15.05 0.66 14.65
C PHE A 301 15.54 -0.20 15.81
N GLU A 302 16.25 0.43 16.76
CA GLU A 302 16.76 -0.30 17.94
C GLU A 302 15.64 -0.73 18.84
N ILE A 303 14.62 0.11 19.01
CA ILE A 303 13.44 -0.30 19.80
C ILE A 303 12.71 -1.45 19.09
N ALA A 304 12.51 -1.32 17.77
CA ALA A 304 11.81 -2.40 17.03
C ALA A 304 12.55 -3.72 17.13
N GLN A 305 13.87 -3.66 17.01
CA GLN A 305 14.67 -4.88 17.07
C GLN A 305 14.54 -5.58 18.48
N LYS A 306 14.54 -4.79 19.53
CA LYS A 306 14.38 -5.33 20.88
C LYS A 306 12.98 -5.90 21.09
N LEU A 307 11.95 -5.19 20.60
CA LEU A 307 10.57 -5.77 20.63
C LEU A 307 10.42 -7.03 19.84
N GLU A 308 11.11 -7.11 18.70
CA GLU A 308 11.03 -8.31 17.92
C GLU A 308 11.57 -9.50 18.73
N GLU A 309 12.69 -9.28 19.40
CA GLU A 309 13.32 -10.34 20.21
C GLU A 309 12.39 -10.78 21.34
N LEU A 310 11.88 -9.79 22.06
CA LEU A 310 10.87 -10.09 23.13
C LEU A 310 9.65 -10.80 22.59
N GLY A 311 9.10 -10.31 21.46
CA GLY A 311 7.96 -10.93 20.86
C GLY A 311 8.14 -12.35 20.35
N VAL A 312 9.23 -12.62 19.69
CA VAL A 312 9.45 -14.00 19.19
C VAL A 312 9.70 -14.94 20.39
N GLU A 313 10.48 -14.47 21.35
CA GLU A 313 10.69 -15.27 22.62
C GLU A 313 9.35 -15.63 23.28
N THR A 314 8.40 -14.69 23.27
CA THR A 314 7.12 -14.89 23.93
C THR A 314 6.06 -15.60 23.09
N PHE A 315 5.99 -15.33 21.78
CA PHE A 315 4.91 -15.78 20.91
C PHE A 315 5.33 -16.68 19.77
N GLY A 316 6.63 -16.83 19.51
CA GLY A 316 7.07 -17.71 18.41
C GLY A 316 6.55 -19.17 18.48
N ALA A 317 6.53 -19.77 19.68
CA ALA A 317 5.96 -21.12 19.90
C ALA A 317 4.46 -21.25 19.58
N LYS A 318 3.74 -20.13 19.59
CA LYS A 318 2.41 -20.07 19.07
C LYS A 318 2.26 -19.78 17.56
N HIS A 319 3.37 -19.76 16.81
CA HIS A 319 3.39 -19.47 15.35
C HIS A 319 2.92 -18.03 15.10
N ILE A 320 3.31 -17.16 16.02
CA ILE A 320 3.11 -15.71 15.87
C ILE A 320 4.47 -14.97 15.75
N TYR A 321 4.72 -14.33 14.59
CA TYR A 321 5.99 -13.82 14.24
C TYR A 321 5.76 -12.42 13.63
N PRO A 322 6.81 -11.66 13.40
CA PRO A 322 6.68 -10.38 12.72
C PRO A 322 6.00 -10.51 11.36
N ASN A 323 5.12 -9.58 11.06
CA ASN A 323 4.48 -9.48 9.77
C ASN A 323 5.01 -8.27 9.04
N THR A 324 4.54 -8.08 7.83
CA THR A 324 5.05 -7.05 6.93
C THR A 324 4.93 -5.65 7.50
N ASP A 325 4.03 -5.46 8.48
CA ASP A 325 3.78 -4.11 9.04
C ASP A 325 4.75 -3.71 10.16
N PHE A 326 5.56 -4.66 10.64
CA PHE A 326 6.39 -4.45 11.83
C PHE A 326 7.55 -3.49 11.56
N TYR A 327 8.28 -3.71 10.45
CA TYR A 327 9.42 -2.92 10.07
C TYR A 327 9.19 -1.94 8.90
N SER A 328 8.01 -1.92 8.29
CA SER A 328 7.83 -1.02 7.13
C SER A 328 7.85 0.44 7.56
N GLY A 329 7.20 0.75 8.68
CA GLY A 329 7.22 2.04 9.26
C GLY A 329 8.62 2.55 9.58
N VAL A 330 9.46 1.69 10.12
CA VAL A 330 10.85 2.02 10.35
C VAL A 330 11.54 2.47 9.06
N VAL A 331 11.36 1.77 7.95
CA VAL A 331 11.88 2.17 6.64
C VAL A 331 11.32 3.52 6.24
N PHE A 332 10.01 3.67 6.30
CA PHE A 332 9.41 4.94 5.84
C PHE A 332 9.85 6.14 6.68
N TYR A 333 9.90 5.93 7.97
CA TYR A 333 10.39 6.99 8.88
C TYR A 333 11.83 7.38 8.59
N ALA A 334 12.67 6.38 8.35
CA ALA A 334 14.12 6.60 8.12
C ALA A 334 14.30 7.37 6.79
N LEU A 335 13.38 7.17 5.82
CA LEU A 335 13.36 7.90 4.57
C LEU A 335 12.95 9.36 4.72
N GLY A 336 12.29 9.74 5.83
CA GLY A 336 11.78 11.11 6.07
C GLY A 336 10.30 11.25 6.07
N PHE A 337 9.56 10.12 5.99
CA PHE A 337 8.12 10.24 5.94
C PHE A 337 7.56 10.29 7.34
N PRO A 338 6.63 11.22 7.59
CA PRO A 338 5.96 11.14 8.88
C PRO A 338 5.04 9.90 8.98
N VAL A 339 4.70 9.56 10.21
CA VAL A 339 3.84 8.42 10.49
C VAL A 339 2.48 8.55 9.73
N TYR A 340 1.97 9.75 9.60
CA TYR A 340 0.66 9.92 8.96
C TYR A 340 0.63 9.50 7.49
N MET A 341 1.77 9.28 6.89
CA MET A 341 1.87 8.89 5.50
C MET A 341 1.95 7.39 5.35
N PHE A 342 2.06 6.55 6.41
CA PHE A 342 2.44 5.18 6.13
C PHE A 342 1.43 4.34 5.29
N THR A 343 0.15 4.49 5.59
CA THR A 343 -0.85 3.77 4.83
C THR A 343 -0.92 4.30 3.36
N SER A 344 -0.69 5.61 3.16
CA SER A 344 -0.62 6.19 1.81
C SER A 344 0.54 5.61 1.00
N LEU A 345 1.65 5.29 1.69
CA LEU A 345 2.82 4.67 1.04
C LEU A 345 2.53 3.23 0.67
N PHE A 346 1.84 2.52 1.55
CA PHE A 346 1.26 1.24 1.21
C PHE A 346 0.41 1.36 -0.06
N ALA A 347 -0.51 2.34 -0.08
CA ALA A 347 -1.43 2.49 -1.18
C ALA A 347 -0.68 2.75 -2.51
N LEU A 348 0.35 3.60 -2.45
CA LEU A 348 1.22 3.86 -3.61
C LEU A 348 1.70 2.55 -4.29
N SER A 349 2.21 1.66 -3.46
CA SER A 349 2.65 0.35 -3.89
C SER A 349 1.51 -0.54 -4.39
N ARG A 350 0.45 -0.59 -3.59
CA ARG A 350 -0.67 -1.47 -3.86
C ARG A 350 -1.51 -1.03 -5.09
N THR A 351 -1.35 0.20 -5.58
CA THR A 351 -2.00 0.55 -6.85
C THR A 351 -1.63 -0.42 -7.96
N LEU A 352 -0.41 -1.05 -7.87
CA LEU A 352 -0.03 -1.99 -8.86
C LEU A 352 -0.87 -3.22 -8.76
N GLY A 353 -1.00 -3.80 -7.57
CA GLY A 353 -1.87 -4.96 -7.37
C GLY A 353 -3.34 -4.70 -7.66
N TRP A 354 -3.86 -3.53 -7.25
CA TRP A 354 -5.25 -3.18 -7.58
C TRP A 354 -5.53 -3.13 -9.09
N THR A 355 -4.69 -2.46 -9.82
CA THR A 355 -4.88 -2.29 -11.24
C THR A 355 -4.69 -3.68 -11.94
N ALA A 356 -3.69 -4.44 -11.48
CA ALA A 356 -3.46 -5.73 -12.12
C ALA A 356 -4.59 -6.71 -11.86
N HIS A 357 -5.16 -6.70 -10.66
CA HIS A 357 -6.32 -7.55 -10.36
C HIS A 357 -7.57 -7.18 -11.14
N VAL A 358 -7.84 -5.90 -11.30
CA VAL A 358 -9.02 -5.51 -12.00
C VAL A 358 -8.87 -5.81 -13.51
N ILE A 359 -7.68 -5.66 -14.05
CA ILE A 359 -7.44 -5.94 -15.48
C ILE A 359 -7.66 -7.42 -15.71
N GLU A 360 -7.12 -8.26 -14.84
CA GLU A 360 -7.33 -9.73 -14.91
C GLU A 360 -8.78 -10.08 -14.85
N TYR A 361 -9.47 -9.44 -13.90
CA TYR A 361 -10.87 -9.68 -13.71
C TYR A 361 -11.75 -9.27 -14.90
N VAL A 362 -11.56 -8.07 -15.42
CA VAL A 362 -12.39 -7.56 -16.50
C VAL A 362 -12.09 -8.42 -17.76
N GLU A 363 -10.81 -8.70 -18.01
CA GLU A 363 -10.44 -9.35 -19.29
C GLU A 363 -10.84 -10.80 -19.31
N ASP A 364 -10.91 -11.47 -18.18
CA ASP A 364 -11.06 -12.90 -18.22
C ASP A 364 -12.40 -13.32 -17.74
N GLN A 365 -12.80 -12.72 -16.63
CA GLN A 365 -13.79 -13.33 -15.69
C GLN A 365 -14.81 -12.28 -15.28
N HIS A 366 -15.10 -11.39 -16.22
CA HIS A 366 -16.02 -10.32 -15.94
C HIS A 366 -17.42 -10.96 -15.80
N ARG A 367 -17.87 -11.06 -14.55
CA ARG A 367 -19.30 -11.25 -14.22
C ARG A 367 -19.71 -9.89 -13.61
N LEU A 368 -20.88 -9.39 -13.98
CA LEU A 368 -21.48 -8.22 -13.34
C LEU A 368 -21.92 -8.62 -11.92
N ILE A 369 -21.50 -7.87 -10.90
CA ILE A 369 -21.73 -8.28 -9.50
C ILE A 369 -23.18 -7.86 -9.06
N ARG A 370 -23.98 -8.90 -8.73
CA ARG A 370 -25.41 -8.83 -8.38
C ARG A 370 -25.80 -9.91 -7.31
N PRO A 371 -25.43 -9.67 -6.03
CA PRO A 371 -25.94 -10.43 -4.90
C PRO A 371 -27.37 -10.03 -4.51
N ARG A 372 -27.91 -10.62 -3.45
CA ARG A 372 -29.32 -10.38 -3.06
C ARG A 372 -29.37 -10.10 -1.58
N ALA A 373 -30.48 -9.49 -1.16
CA ALA A 373 -30.77 -9.27 0.23
C ALA A 373 -32.06 -10.05 0.58
N LEU A 374 -31.99 -10.85 1.64
CA LEU A 374 -33.16 -11.56 2.12
C LEU A 374 -34.04 -10.61 2.95
N TYR A 375 -35.31 -10.40 2.56
CA TYR A 375 -36.21 -9.54 3.33
C TYR A 375 -36.67 -10.17 4.64
N VAL A 376 -36.42 -9.50 5.77
CA VAL A 376 -36.86 -10.00 7.10
C VAL A 376 -37.65 -8.94 7.81
N GLY A 377 -38.13 -7.95 7.06
CA GLY A 377 -38.77 -6.80 7.65
C GLY A 377 -40.27 -6.95 7.83
N PRO A 378 -40.95 -5.86 8.16
CA PRO A 378 -42.37 -5.89 8.40
C PRO A 378 -43.24 -6.40 7.26
N LEU A 379 -44.31 -7.09 7.64
CA LEU A 379 -45.38 -7.39 6.74
C LEU A 379 -46.13 -6.13 6.29
N LYS A 380 -46.96 -6.32 5.26
CA LYS A 380 -47.78 -5.27 4.67
C LYS A 380 -48.49 -4.42 5.70
N ARG A 381 -48.41 -3.10 5.59
CA ARG A 381 -49.12 -2.21 6.50
C ARG A 381 -49.44 -0.95 5.74
N ASP A 382 -50.45 -0.22 6.24
CA ASP A 382 -51.03 0.87 5.52
C ASP A 382 -50.49 2.14 6.13
N VAL A 383 -50.29 3.17 5.31
CA VAL A 383 -49.81 4.44 5.81
C VAL A 383 -50.96 5.03 6.63
N VAL A 384 -50.60 5.60 7.77
CA VAL A 384 -51.53 6.29 8.64
C VAL A 384 -51.14 7.78 8.64
N PRO A 385 -52.13 8.66 8.62
CA PRO A 385 -51.85 10.11 8.70
C PRO A 385 -51.01 10.50 9.93
N ILE A 386 -50.15 11.48 9.77
CA ILE A 386 -49.17 11.79 10.80
C ILE A 386 -49.80 12.07 12.19
N GLU A 387 -50.96 12.70 12.20
CA GLU A 387 -51.72 13.02 13.47
C GLU A 387 -52.05 11.76 14.29
N LEU A 388 -52.24 10.64 13.60
CA LEU A 388 -52.48 9.36 14.24
C LEU A 388 -51.27 8.56 14.62
N ARG A 389 -50.07 9.09 14.38
CA ARG A 389 -48.90 8.38 14.76
C ARG A 389 -48.56 8.76 16.21
C1 GOL B . -2.82 -2.00 4.84
O1 GOL B . -2.44 -3.31 5.30
C2 GOL B . -2.45 -0.94 5.85
O2 GOL B . -3.08 -1.30 7.09
C3 GOL B . -0.92 -0.86 5.97
O3 GOL B . -0.61 0.19 6.90
C1 GOL C . 11.17 5.70 -14.91
O1 GOL C . 12.29 4.94 -14.46
C2 GOL C . 10.79 6.70 -13.81
O2 GOL C . 9.60 7.36 -14.21
C3 GOL C . 11.79 7.81 -13.49
O3 GOL C . 12.39 8.29 -14.69
N1A ACO D . 0.36 -10.69 19.78
C2A ACO D . 0.23 -11.56 20.84
N3A ACO D . -0.50 -12.73 20.78
C4A ACO D . -1.11 -13.05 19.61
C5A ACO D . -1.00 -12.16 18.43
C6A ACO D . -0.20 -10.95 18.59
N6A ACO D . -0.11 -10.11 17.53
N7A ACO D . -1.74 -12.72 17.43
C8A ACO D . -2.27 -13.86 17.91
N9A ACO D . -1.92 -14.04 19.20
C1B ACO D . -2.27 -15.19 20.07
C2B ACO D . -3.78 -15.46 20.20
O2B ACO D . -4.43 -14.67 21.19
C3B ACO D . -3.76 -16.91 20.57
O3B ACO D . -3.52 -16.98 21.98
P3B ACO D . -4.03 -18.17 22.96
O7A ACO D . -4.15 -17.52 24.32
O8A ACO D . -2.92 -19.23 22.88
O9A ACO D . -5.37 -18.60 22.36
C4B ACO D . -2.58 -17.49 19.78
O4B ACO D . -1.68 -16.40 19.52
C5B ACO D . -2.94 -18.08 18.44
O5B ACO D . -3.62 -17.09 17.65
P1A ACO D . -3.99 -17.42 16.12
O1A ACO D . -5.27 -18.21 16.18
O2A ACO D . -2.72 -17.96 15.43
O3A ACO D . -4.29 -16.01 15.37
P2A ACO D . -5.61 -15.10 15.61
O4A ACO D . -6.64 -15.35 14.53
O5A ACO D . -5.95 -15.01 17.07
O6A ACO D . -4.96 -13.71 15.11
CBP ACO D . -4.31 -12.18 13.42
CCP ACO D . -4.22 -13.60 13.90
CDP ACO D . -3.35 -11.62 12.38
CEP ACO D . -5.65 -11.45 13.65
CAP ACO D . -3.55 -11.54 14.69
OAP ACO D . -2.25 -12.10 14.98
C9P ACO D . -3.34 -10.02 14.72
O9P ACO D . -4.24 -9.33 15.16
N8P ACO D . -2.18 -9.52 14.22
C7P ACO D . -2.01 -8.12 13.93
C6P ACO D . -1.93 -7.20 15.14
C5P ACO D . -1.91 -5.80 14.54
O5P ACO D . -0.85 -5.26 14.27
N4P ACO D . -3.09 -5.17 14.35
C3P ACO D . -3.21 -3.78 13.88
C2P ACO D . -3.90 -3.82 12.54
S1P ACO D . -5.53 -3.19 12.73
C ACO D . -5.29 -1.99 11.60
O ACO D . -4.67 -1.01 11.96
CH3 ACO D . -5.78 -2.25 10.21
#